data_3WZ0
#
_entry.id   3WZ0
#
_cell.length_a   69.347
_cell.length_b   77.530
_cell.length_c   114.310
_cell.angle_alpha   90.00
_cell.angle_beta   90.00
_cell.angle_gamma   90.00
#
_symmetry.space_group_name_H-M   'P 21 21 21'
#
loop_
_entity.id
_entity.type
_entity.pdbx_description
1 polymer 'Ribonuclease P protein component 3'
2 polymer 'Ribonuclease P protein component 2'
3 water water
#
loop_
_entity_poly.entity_id
_entity_poly.type
_entity_poly.pdbx_seq_one_letter_code
_entity_poly.pdbx_strand_id
1 'polypeptide(L)'
;MSEEEVSFSRDYFVEMDVRDEEAHELASDWFDEVVFTKKLVLEDPPDWGSLKEELKELRGKYGKVALLLVTRKPSLIREV
KSRNLKALLYVQGGDMRINRMAIESGVDALISPWFGRKDPGFDHTLAGMAARRGVAIGFSLSPLLNANPYGRAQILRFMM
KTWQLVKKYRVPRFITSSAESRWEVRGPRDLMSLGINIGMEIPEARASLNFYPRTIVWKL
;
E,F
2 'polypeptide(L)'
;MREKPKYLPPTLRDKNRYIAFQVIGERPFKKDEIKKAVWEASLSALGYLGSARAKPWFIKFDEKSQTGIVRVDRKHVEEL
RFALTMLTEINGSKVIFRTLGVSGTIKRLKRKFLAEYGWR
;
C,A
#
# COMPACT_ATOMS: atom_id res chain seq x y z
N TYR A 12 11.77 -21.22 20.35
CA TYR A 12 11.48 -20.78 21.75
C TYR A 12 11.23 -19.28 21.80
N PHE A 13 9.95 -18.90 21.85
CA PHE A 13 9.55 -17.49 21.77
C PHE A 13 9.18 -16.89 23.13
N VAL A 14 9.42 -15.60 23.26
CA VAL A 14 9.23 -14.87 24.53
C VAL A 14 8.42 -13.59 24.31
N GLU A 15 7.30 -13.48 25.00
CA GLU A 15 6.55 -12.22 25.08
C GLU A 15 7.14 -11.39 26.22
N MET A 16 7.75 -10.25 25.89
CA MET A 16 8.54 -9.47 26.85
C MET A 16 7.73 -8.48 27.69
N ASP A 17 6.49 -8.20 27.29
CA ASP A 17 5.71 -7.14 27.94
C ASP A 17 4.22 -7.31 27.74
N VAL A 18 3.53 -7.72 28.79
CA VAL A 18 2.06 -7.71 28.83
C VAL A 18 1.64 -7.15 30.18
N ARG A 19 0.54 -6.39 30.18
CA ARG A 19 0.20 -5.52 31.30
C ARG A 19 -1.20 -5.76 31.84
N ASP A 20 -1.74 -6.94 31.58
CA ASP A 20 -3.10 -7.28 31.96
C ASP A 20 -3.20 -8.78 32.19
N GLU A 21 -3.81 -9.16 33.31
CA GLU A 21 -3.98 -10.57 33.67
C GLU A 21 -4.57 -11.37 32.50
N GLU A 22 -5.68 -10.87 31.97
CA GLU A 22 -6.34 -11.49 30.81
C GLU A 22 -5.41 -11.63 29.60
N ALA A 23 -4.60 -10.62 29.34
CA ALA A 23 -3.64 -10.65 28.23
C ALA A 23 -2.54 -11.67 28.50
N HIS A 24 -2.08 -11.71 29.75
CA HIS A 24 -0.98 -12.59 30.14
C HIS A 24 -1.31 -14.05 29.88
N GLU A 25 -2.52 -14.46 30.26
CA GLU A 25 -2.97 -15.84 30.09
C GLU A 25 -3.14 -16.24 28.62
N LEU A 26 -3.55 -15.28 27.79
CA LEU A 26 -3.77 -15.55 26.36
C LEU A 26 -2.43 -15.73 25.66
N ALA A 27 -1.53 -14.79 25.90
CA ALA A 27 -0.15 -14.89 25.43
C ALA A 27 0.48 -16.21 25.85
N SER A 28 0.17 -16.65 27.06
CA SER A 28 0.68 -17.91 27.61
C SER A 28 0.24 -19.15 26.83
N ASP A 29 -0.80 -19.04 26.02
CA ASP A 29 -1.13 -20.09 25.04
C ASP A 29 -0.04 -20.16 23.97
N TRP A 30 0.32 -18.99 23.44
CA TRP A 30 1.19 -18.90 22.25
C TRP A 30 2.68 -18.66 22.53
N PHE A 31 3.02 -18.37 23.79
CA PHE A 31 4.41 -18.09 24.16
C PHE A 31 4.94 -19.03 25.23
N ASP A 32 6.25 -19.25 25.20
CA ASP A 32 6.95 -20.11 26.16
C ASP A 32 7.27 -19.37 27.44
N GLU A 33 7.52 -18.07 27.31
CA GLU A 33 7.78 -17.18 28.44
C GLU A 33 6.99 -15.91 28.26
N VAL A 34 6.22 -15.53 29.27
CA VAL A 34 5.48 -14.27 29.25
C VAL A 34 5.84 -13.48 30.50
N VAL A 35 6.37 -12.28 30.29
CA VAL A 35 6.73 -11.36 31.36
C VAL A 35 5.55 -10.43 31.66
N PHE A 36 4.96 -10.57 32.84
CA PHE A 36 3.96 -9.61 33.28
C PHE A 36 4.67 -8.30 33.57
N THR A 37 4.01 -7.19 33.29
CA THR A 37 4.59 -5.87 33.45
C THR A 37 3.68 -4.97 34.28
N LYS A 38 4.25 -4.42 35.35
CA LYS A 38 3.53 -3.49 36.21
C LYS A 38 3.72 -2.06 35.72
N LYS A 39 2.67 -1.51 35.13
CA LYS A 39 2.67 -0.13 34.69
C LYS A 39 2.65 0.75 35.93
N LEU A 40 3.59 1.69 36.00
CA LEU A 40 3.72 2.58 37.16
C LEU A 40 3.86 4.04 36.74
N VAL A 41 2.74 4.76 36.85
CA VAL A 41 2.69 6.19 36.55
C VAL A 41 3.26 6.96 37.72
N LEU A 42 4.12 7.94 37.42
CA LEU A 42 4.96 8.57 38.42
C LEU A 42 5.13 10.07 38.22
N GLU A 43 4.99 10.80 39.32
CA GLU A 43 5.41 12.22 39.40
C GLU A 43 6.50 12.39 40.46
N ASP A 44 6.30 11.76 41.62
CA ASP A 44 7.26 11.79 42.74
C ASP A 44 7.63 10.35 43.13
N PRO A 45 8.58 10.18 44.07
CA PRO A 45 8.97 8.83 44.52
C PRO A 45 7.79 8.03 45.10
N PRO A 46 7.83 6.68 44.95
CA PRO A 46 6.81 5.82 45.51
C PRO A 46 7.23 5.24 46.85
N ASP A 47 6.23 4.81 47.63
CA ASP A 47 6.48 4.07 48.88
C ASP A 47 7.15 2.75 48.51
N TRP A 48 8.44 2.65 48.79
CA TRP A 48 9.21 1.44 48.41
C TRP A 48 8.88 0.22 49.26
N GLY A 49 8.16 0.44 50.36
CA GLY A 49 7.58 -0.65 51.12
C GLY A 49 6.44 -1.29 50.34
N SER A 50 5.42 -0.48 50.04
CA SER A 50 4.25 -0.93 49.29
C SER A 50 4.62 -1.50 47.91
N LEU A 51 5.60 -0.90 47.27
CA LEU A 51 6.01 -1.25 45.91
C LEU A 51 6.72 -2.62 45.86
N LYS A 52 7.67 -2.84 46.76
CA LYS A 52 8.37 -4.13 46.84
C LYS A 52 7.42 -5.28 47.20
N GLU A 53 6.51 -4.99 48.12
CA GLU A 53 5.43 -5.91 48.50
C GLU A 53 4.58 -6.31 47.29
N GLU A 54 4.12 -5.30 46.55
CA GLU A 54 3.32 -5.53 45.34
C GLU A 54 4.11 -6.30 44.29
N LEU A 55 5.39 -5.99 44.15
CA LEU A 55 6.27 -6.69 43.21
C LEU A 55 6.52 -8.15 43.58
N LYS A 56 6.62 -8.42 44.87
CA LYS A 56 6.87 -9.78 45.35
C LYS A 56 5.68 -10.70 45.09
N GLU A 57 4.47 -10.17 45.26
CA GLU A 57 3.24 -10.92 44.95
C GLU A 57 3.23 -11.40 43.51
N LEU A 58 3.63 -10.50 42.61
CA LEU A 58 3.65 -10.79 41.17
C LEU A 58 4.68 -11.85 40.80
N ARG A 59 5.82 -11.87 41.51
CA ARG A 59 6.82 -12.92 41.29
C ARG A 59 6.24 -14.31 41.57
N GLY A 60 5.50 -14.41 42.67
CA GLY A 60 4.85 -15.67 43.05
C GLY A 60 3.66 -16.03 42.16
N LYS A 61 3.00 -15.00 41.63
CA LYS A 61 1.83 -15.15 40.76
C LYS A 61 2.24 -15.46 39.31
N TYR A 62 3.10 -14.61 38.74
CA TYR A 62 3.45 -14.67 37.32
C TYR A 62 4.90 -15.10 37.01
N GLY A 63 5.66 -15.47 38.04
CA GLY A 63 7.06 -15.88 37.85
C GLY A 63 8.01 -14.72 37.61
N LYS A 64 8.32 -14.47 36.34
CA LYS A 64 9.16 -13.34 35.93
C LYS A 64 8.30 -12.08 35.82
N VAL A 65 8.81 -10.97 36.36
CA VAL A 65 8.06 -9.71 36.40
C VAL A 65 8.93 -8.56 35.90
N ALA A 66 8.28 -7.56 35.30
CA ALA A 66 8.94 -6.32 34.88
C ALA A 66 8.22 -5.09 35.43
N LEU A 67 9.00 -4.03 35.64
CA LEU A 67 8.48 -2.76 36.15
C LEU A 67 8.62 -1.66 35.11
N LEU A 68 7.48 -1.16 34.64
CA LEU A 68 7.45 -0.12 33.62
C LEU A 68 7.25 1.24 34.28
N LEU A 69 8.17 2.15 34.02
CA LEU A 69 8.08 3.52 34.50
C LEU A 69 7.54 4.42 33.41
N VAL A 70 6.46 5.13 33.73
CA VAL A 70 5.92 6.18 32.88
C VAL A 70 5.91 7.45 33.73
N THR A 71 6.75 8.40 33.35
CA THR A 71 7.00 9.61 34.13
C THR A 71 7.61 10.70 33.25
N ARG A 72 7.69 11.90 33.81
CA ARG A 72 8.39 13.01 33.15
C ARG A 72 9.63 13.49 33.92
N LYS A 73 9.80 12.97 35.14
CA LYS A 73 10.95 13.32 35.97
C LYS A 73 12.05 12.27 35.78
N PRO A 74 13.14 12.63 35.06
CA PRO A 74 14.22 11.66 34.83
C PRO A 74 14.95 11.18 36.07
N SER A 75 14.92 11.98 37.14
CA SER A 75 15.53 11.58 38.42
C SER A 75 14.87 10.33 39.00
N LEU A 76 13.56 10.18 38.76
CA LEU A 76 12.82 8.99 39.23
C LEU A 76 13.34 7.68 38.62
N ILE A 77 13.85 7.76 37.40
CA ILE A 77 14.56 6.61 36.79
C ILE A 77 15.83 6.32 37.59
N ARG A 78 16.62 7.37 37.83
CA ARG A 78 17.89 7.31 38.56
C ARG A 78 17.63 7.35 40.07
N GLU A 79 16.73 6.50 40.52
N GLU A 79 16.76 6.46 40.52
CA GLU A 79 16.27 6.47 41.91
CA GLU A 79 16.29 6.47 41.89
C GLU A 79 15.67 5.09 42.12
C GLU A 79 15.67 5.11 42.12
N VAL A 80 14.67 4.79 41.30
CA VAL A 80 14.13 3.44 41.20
C VAL A 80 15.25 2.45 40.86
N LYS A 81 15.98 2.75 39.79
CA LYS A 81 17.16 1.96 39.39
C LYS A 81 18.07 1.65 40.58
N SER A 82 18.37 2.68 41.36
CA SER A 82 19.25 2.56 42.54
C SER A 82 18.73 1.60 43.61
N ARG A 83 17.41 1.62 43.84
CA ARG A 83 16.76 0.70 44.81
C ARG A 83 17.07 -0.76 44.47
N ASN A 84 17.41 -1.01 43.21
CA ASN A 84 17.95 -2.29 42.76
C ASN A 84 16.98 -3.44 43.02
N LEU A 85 15.79 -3.33 42.43
CA LEU A 85 14.68 -4.21 42.75
C LEU A 85 14.78 -5.53 42.01
N LYS A 86 13.99 -6.50 42.46
CA LYS A 86 14.02 -7.87 41.92
C LYS A 86 13.03 -8.00 40.76
N ALA A 87 13.24 -7.20 39.73
CA ALA A 87 12.34 -7.13 38.58
C ALA A 87 13.02 -6.40 37.43
N LEU A 88 12.64 -6.76 36.20
CA LEU A 88 13.18 -6.11 35.01
C LEU A 88 12.71 -4.66 34.96
N LEU A 89 13.62 -3.75 34.67
CA LEU A 89 13.30 -2.32 34.65
C LEU A 89 13.06 -1.81 33.23
N TYR A 90 11.79 -1.56 32.94
CA TYR A 90 11.38 -0.94 31.67
C TYR A 90 11.06 0.52 31.90
N VAL A 91 11.16 1.30 30.83
CA VAL A 91 10.78 2.70 30.84
C VAL A 91 10.04 3.05 29.55
N GLN A 92 8.91 3.73 29.71
CA GLN A 92 8.11 4.21 28.58
C GLN A 92 8.86 5.30 27.88
N GLY A 93 8.99 5.18 26.56
CA GLY A 93 9.62 6.23 25.75
C GLY A 93 8.67 7.36 25.43
N GLY A 94 9.19 8.39 24.77
CA GLY A 94 8.38 9.52 24.31
C GLY A 94 9.00 10.87 24.59
N ASP A 95 9.47 11.04 25.83
CA ASP A 95 10.02 12.28 26.32
C ASP A 95 11.52 12.11 26.13
N MET A 96 12.07 12.77 25.13
CA MET A 96 13.51 12.82 24.87
C MET A 96 14.45 12.95 26.10
N ARG A 97 13.92 13.43 27.22
CA ARG A 97 14.65 13.44 28.50
C ARG A 97 14.67 12.02 29.06
N ILE A 98 13.49 11.43 29.12
CA ILE A 98 13.27 10.10 29.67
C ILE A 98 13.99 9.06 28.80
N ASN A 99 13.84 9.19 27.49
CA ASN A 99 14.60 8.35 26.55
C ASN A 99 16.09 8.39 26.87
N ARG A 100 16.60 9.61 26.98
CA ARG A 100 18.02 9.85 27.21
C ARG A 100 18.50 9.26 28.53
N MET A 101 17.79 9.63 29.60
CA MET A 101 18.12 9.19 30.95
C MET A 101 18.08 7.67 31.06
N ALA A 102 17.02 7.08 30.50
CA ALA A 102 16.83 5.62 30.53
C ALA A 102 18.05 4.86 30.04
N ILE A 103 18.64 5.34 28.94
CA ILE A 103 19.81 4.67 28.36
C ILE A 103 21.03 4.90 29.25
N GLU A 104 21.23 6.15 29.66
CA GLU A 104 22.33 6.50 30.55
C GLU A 104 22.33 5.71 31.85
N SER A 105 21.15 5.52 32.44
CA SER A 105 20.98 4.79 33.71
C SER A 105 21.22 3.27 33.65
N GLY A 106 21.35 2.73 32.44
CA GLY A 106 21.67 1.29 32.26
C GLY A 106 20.47 0.38 32.48
N VAL A 107 19.28 0.95 32.34
CA VAL A 107 18.01 0.23 32.45
C VAL A 107 17.96 -1.00 31.53
N ASP A 108 17.06 -1.95 31.81
CA ASP A 108 17.00 -3.20 31.04
C ASP A 108 16.48 -2.97 29.62
N ALA A 109 15.53 -2.06 29.48
CA ALA A 109 14.96 -1.73 28.18
C ALA A 109 14.20 -0.40 28.17
N LEU A 110 14.29 0.28 27.04
CA LEU A 110 13.50 1.48 26.76
C LEU A 110 12.40 1.10 25.78
N ILE A 111 11.16 1.38 26.16
CA ILE A 111 9.98 0.96 25.40
C ILE A 111 9.44 2.08 24.53
N SER A 112 9.62 1.93 23.23
CA SER A 112 8.96 2.79 22.23
C SER A 112 9.33 4.27 22.37
N PRO A 113 10.59 4.63 22.06
CA PRO A 113 11.06 6.02 22.17
C PRO A 113 10.27 7.03 21.33
N TRP A 114 9.56 6.54 20.33
CA TRP A 114 8.74 7.37 19.43
C TRP A 114 7.34 7.66 19.97
N PHE A 115 6.98 7.06 21.10
CA PHE A 115 5.60 7.16 21.62
C PHE A 115 5.11 8.61 21.73
N GLY A 116 4.02 8.91 21.03
CA GLY A 116 3.41 10.25 21.05
C GLY A 116 4.21 11.36 20.38
N ARG A 117 5.31 11.01 19.71
CA ARG A 117 6.21 11.99 19.09
C ARG A 117 5.89 12.24 17.63
N LYS A 118 6.50 13.30 17.09
CA LYS A 118 6.46 13.60 15.65
C LYS A 118 7.81 13.30 14.99
N ASP A 119 8.59 12.44 15.63
CA ASP A 119 9.92 12.01 15.14
C ASP A 119 10.36 10.78 15.95
N PRO A 120 11.36 10.02 15.47
CA PRO A 120 11.76 8.77 16.13
C PRO A 120 12.17 8.87 17.61
N GLY A 121 12.63 10.04 18.02
CA GLY A 121 13.07 10.25 19.41
C GLY A 121 14.26 9.37 19.73
N PHE A 122 15.15 9.21 18.77
CA PHE A 122 16.26 8.26 18.87
C PHE A 122 17.24 8.56 17.74
N ASP A 123 18.51 8.60 18.06
CA ASP A 123 19.55 9.02 17.11
C ASP A 123 20.80 8.15 17.23
N HIS A 124 21.80 8.44 16.41
CA HIS A 124 23.10 7.73 16.45
C HIS A 124 23.73 7.70 17.84
N THR A 125 23.58 8.80 18.59
CA THR A 125 24.19 8.92 19.91
C THR A 125 23.54 7.99 20.93
N LEU A 126 22.22 8.07 21.05
CA LEU A 126 21.45 7.23 21.97
C LEU A 126 21.67 5.74 21.68
N ALA A 127 21.84 5.41 20.41
CA ALA A 127 22.17 4.04 19.97
C ALA A 127 23.54 3.60 20.48
N GLY A 128 24.52 4.50 20.37
CA GLY A 128 25.87 4.24 20.88
C GLY A 128 25.86 3.93 22.37
N MET A 129 25.14 4.75 23.12
CA MET A 129 25.03 4.59 24.58
C MET A 129 24.26 3.33 24.95
N ALA A 130 23.15 3.10 24.27
CA ALA A 130 22.34 1.89 24.48
C ALA A 130 23.17 0.63 24.31
N ALA A 131 23.96 0.58 23.24
CA ALA A 131 24.86 -0.55 22.96
C ALA A 131 25.89 -0.73 24.08
N ARG A 132 26.54 0.38 24.46
CA ARG A 132 27.54 0.37 25.55
C ARG A 132 26.95 -0.09 26.88
N ARG A 133 25.82 0.50 27.25
CA ARG A 133 25.18 0.26 28.54
C ARG A 133 24.35 -1.04 28.56
N GLY A 134 24.14 -1.64 27.39
CA GLY A 134 23.39 -2.89 27.29
C GLY A 134 21.89 -2.71 27.43
N VAL A 135 21.41 -1.54 27.04
CA VAL A 135 20.00 -1.18 27.17
C VAL A 135 19.26 -1.59 25.91
N ALA A 136 18.24 -2.43 26.06
CA ALA A 136 17.44 -2.89 24.93
C ALA A 136 16.38 -1.86 24.53
N ILE A 137 15.88 -2.02 23.31
CA ILE A 137 14.83 -1.18 22.76
C ILE A 137 13.60 -2.02 22.47
N GLY A 138 12.46 -1.54 22.96
CA GLY A 138 11.18 -2.25 22.83
C GLY A 138 10.39 -1.75 21.64
N PHE A 139 10.12 -2.65 20.70
CA PHE A 139 9.30 -2.35 19.53
C PHE A 139 7.89 -2.82 19.83
N SER A 140 7.08 -1.90 20.37
CA SER A 140 5.73 -2.23 20.81
C SER A 140 4.73 -2.14 19.68
N LEU A 141 3.83 -3.10 19.63
CA LEU A 141 2.74 -3.12 18.66
C LEU A 141 1.53 -2.29 19.10
N SER A 142 1.30 -2.22 20.42
CA SER A 142 0.07 -1.62 20.97
C SER A 142 -0.31 -0.24 20.40
N PRO A 143 0.67 0.67 20.27
CA PRO A 143 0.37 1.97 19.62
C PRO A 143 -0.17 1.87 18.20
N LEU A 144 0.38 0.96 17.40
CA LEU A 144 -0.07 0.75 16.03
C LEU A 144 -1.55 0.35 16.01
N LEU A 145 -1.89 -0.65 16.83
CA LEU A 145 -3.29 -1.10 16.94
C LEU A 145 -4.23 0.08 17.24
N ASN A 146 -3.78 0.98 18.11
CA ASN A 146 -4.62 2.09 18.59
C ASN A 146 -4.58 3.35 17.73
N ALA A 147 -3.59 3.43 16.84
CA ALA A 147 -3.45 4.58 15.94
C ALA A 147 -4.37 4.48 14.73
N ASN A 148 -4.53 5.61 14.04
CA ASN A 148 -5.28 5.68 12.78
C ASN A 148 -4.29 5.67 11.60
N PRO A 149 -4.77 5.33 10.38
CA PRO A 149 -3.89 5.09 9.23
C PRO A 149 -2.72 6.05 9.11
N TYR A 150 -2.98 7.35 9.27
CA TYR A 150 -1.92 8.36 9.27
C TYR A 150 -0.88 8.01 10.33
N GLY A 151 -1.35 7.90 11.57
CA GLY A 151 -0.50 7.53 12.72
C GLY A 151 0.27 6.24 12.48
N ARG A 152 -0.43 5.22 11.98
CA ARG A 152 0.20 3.94 11.64
C ARG A 152 1.45 4.17 10.79
N ALA A 153 1.28 4.93 9.72
CA ALA A 153 2.34 5.22 8.78
C ALA A 153 3.49 5.99 9.43
N GLN A 154 3.13 6.96 10.27
CA GLN A 154 4.13 7.76 10.99
C GLN A 154 4.96 6.84 11.88
N ILE A 155 4.28 6.05 12.70
CA ILE A 155 4.96 5.17 13.66
C ILE A 155 5.88 4.21 12.94
N LEU A 156 5.39 3.60 11.87
CA LEU A 156 6.18 2.64 11.10
C LEU A 156 7.45 3.28 10.55
N ARG A 157 7.37 4.54 10.13
CA ARG A 157 8.54 5.30 9.68
C ARG A 157 9.56 5.46 10.81
N PHE A 158 9.07 5.80 11.98
CA PHE A 158 9.93 5.97 13.15
C PHE A 158 10.62 4.65 13.49
N MET A 159 9.83 3.58 13.50
CA MET A 159 10.32 2.23 13.77
C MET A 159 11.41 1.81 12.80
N MET A 160 11.26 2.24 11.54
CA MET A 160 12.23 1.92 10.50
C MET A 160 13.58 2.58 10.78
N LYS A 161 13.56 3.89 11.02
CA LYS A 161 14.79 4.62 11.38
C LYS A 161 15.45 4.00 12.61
N THR A 162 14.65 3.74 13.63
CA THR A 162 15.14 3.16 14.88
C THR A 162 15.83 1.83 14.62
N TRP A 163 15.18 1.00 13.83
CA TRP A 163 15.75 -0.31 13.45
C TRP A 163 17.09 -0.17 12.71
N GLN A 164 17.15 0.78 11.77
CA GLN A 164 18.39 1.01 11.02
C GLN A 164 19.54 1.31 11.96
N LEU A 165 19.27 2.16 12.96
CA LEU A 165 20.23 2.50 14.00
C LEU A 165 20.52 1.30 14.91
N VAL A 166 19.44 0.71 15.40
CA VAL A 166 19.51 -0.45 16.30
C VAL A 166 20.35 -1.58 15.71
N LYS A 167 20.19 -1.82 14.42
CA LYS A 167 21.00 -2.83 13.71
C LYS A 167 22.46 -2.40 13.60
N LYS A 168 22.69 -1.14 13.26
CA LYS A 168 24.03 -0.61 13.02
C LYS A 168 24.94 -0.67 14.26
N TYR A 169 24.40 -0.28 15.41
CA TYR A 169 25.21 -0.24 16.65
C TYR A 169 25.10 -1.52 17.50
N ARG A 170 24.56 -2.59 16.92
CA ARG A 170 24.38 -3.88 17.61
C ARG A 170 23.57 -3.75 18.90
N VAL A 171 22.60 -2.86 18.88
CA VAL A 171 21.79 -2.56 20.06
C VAL A 171 20.82 -3.72 20.32
N PRO A 172 20.76 -4.20 21.58
CA PRO A 172 19.78 -5.25 21.87
C PRO A 172 18.34 -4.73 21.73
N ARG A 173 17.44 -5.64 21.39
CA ARG A 173 16.05 -5.27 21.12
C ARG A 173 15.14 -6.48 21.11
N PHE A 174 13.85 -6.20 21.23
CA PHE A 174 12.82 -7.21 21.11
C PHE A 174 11.56 -6.60 20.50
N ILE A 175 10.67 -7.47 20.08
CA ILE A 175 9.33 -7.06 19.64
C ILE A 175 8.34 -7.50 20.70
N THR A 176 7.29 -6.73 20.89
CA THR A 176 6.31 -7.03 21.93
C THR A 176 4.95 -6.44 21.66
N SER A 177 3.95 -7.05 22.29
CA SER A 177 2.57 -6.58 22.19
C SER A 177 2.36 -5.33 23.03
N SER A 178 2.99 -5.29 24.20
CA SER A 178 2.67 -4.27 25.22
C SER A 178 1.16 -4.22 25.44
N ALA A 179 0.55 -5.40 25.50
CA ALA A 179 -0.88 -5.54 25.56
C ALA A 179 -1.42 -5.11 26.92
N GLU A 180 -2.35 -4.17 26.91
CA GLU A 180 -3.10 -3.78 28.11
C GLU A 180 -4.47 -4.45 28.16
N SER A 181 -4.76 -5.26 27.16
CA SER A 181 -5.92 -6.15 27.16
C SER A 181 -5.66 -7.28 26.19
N ARG A 182 -6.45 -8.35 26.32
CA ARG A 182 -6.23 -9.56 25.51
C ARG A 182 -6.37 -9.31 24.01
N TRP A 183 -7.15 -8.31 23.63
CA TRP A 183 -7.36 -7.97 22.23
C TRP A 183 -6.11 -7.42 21.56
N GLU A 184 -5.19 -6.91 22.36
CA GLU A 184 -3.91 -6.39 21.86
C GLU A 184 -2.81 -7.45 21.74
N VAL A 185 -3.13 -8.70 22.07
CA VAL A 185 -2.15 -9.79 22.08
C VAL A 185 -2.04 -10.40 20.69
N ARG A 186 -0.82 -10.79 20.33
CA ARG A 186 -0.54 -11.43 19.04
C ARG A 186 0.49 -12.54 19.23
N GLY A 187 0.45 -13.54 18.35
CA GLY A 187 1.40 -14.66 18.40
C GLY A 187 2.81 -14.31 17.91
N PRO A 188 3.78 -15.21 18.13
CA PRO A 188 5.20 -14.99 17.78
C PRO A 188 5.45 -14.59 16.33
N ARG A 189 4.88 -15.35 15.41
CA ARG A 189 5.00 -15.05 14.00
C ARG A 189 4.24 -13.80 13.61
N ASP A 190 3.09 -13.61 14.24
CA ASP A 190 2.30 -12.39 14.05
C ASP A 190 3.11 -11.14 14.41
N LEU A 191 3.89 -11.24 15.48
CA LEU A 191 4.79 -10.15 15.89
C LEU A 191 6.02 -10.03 15.00
N MET A 192 6.51 -11.14 14.47
CA MET A 192 7.67 -11.11 13.57
C MET A 192 7.40 -10.34 12.27
N SER A 193 6.13 -10.34 11.84
CA SER A 193 5.69 -9.54 10.69
C SER A 193 6.05 -8.06 10.85
N LEU A 194 5.83 -7.55 12.05
CA LEU A 194 6.14 -6.15 12.35
C LEU A 194 7.63 -5.90 12.12
N GLY A 195 8.46 -6.71 12.76
CA GLY A 195 9.91 -6.64 12.58
C GLY A 195 10.30 -6.69 11.11
N ILE A 196 9.82 -7.70 10.42
CA ILE A 196 10.15 -7.93 9.02
C ILE A 196 9.78 -6.75 8.11
N ASN A 197 8.57 -6.25 8.27
CA ASN A 197 8.07 -5.13 7.45
C ASN A 197 8.68 -3.79 7.84
N ILE A 198 9.30 -3.74 9.02
CA ILE A 198 10.12 -2.60 9.45
C ILE A 198 11.54 -2.66 8.88
N GLY A 199 11.91 -3.83 8.35
CA GLY A 199 13.20 -4.00 7.67
C GLY A 199 14.05 -5.16 8.16
N MET A 200 13.62 -5.82 9.23
CA MET A 200 14.36 -6.95 9.77
CA MET A 200 14.36 -6.95 9.77
C MET A 200 14.32 -8.13 8.80
N GLU A 201 15.45 -8.83 8.67
CA GLU A 201 15.46 -10.11 7.95
C GLU A 201 14.83 -11.13 8.90
N ILE A 202 14.39 -12.26 8.37
CA ILE A 202 13.66 -13.26 9.18
C ILE A 202 14.46 -13.75 10.40
N PRO A 203 15.75 -14.12 10.23
CA PRO A 203 16.57 -14.52 11.39
C PRO A 203 16.71 -13.45 12.47
N GLU A 204 16.78 -12.20 12.06
CA GLU A 204 16.84 -11.07 13.01
C GLU A 204 15.53 -10.93 13.78
N ALA A 205 14.42 -11.05 13.07
CA ALA A 205 13.08 -10.95 13.67
C ALA A 205 12.77 -12.09 14.64
N ARG A 206 13.33 -13.26 14.36
CA ARG A 206 13.22 -14.40 15.29
C ARG A 206 14.02 -14.16 16.57
N ALA A 207 15.19 -13.53 16.40
CA ALA A 207 16.07 -13.22 17.55
C ALA A 207 15.44 -12.18 18.48
N SER A 208 14.62 -11.30 17.95
CA SER A 208 13.87 -10.32 18.76
C SER A 208 12.85 -10.96 19.70
N LEU A 209 12.52 -12.22 19.44
CA LEU A 209 11.64 -13.01 20.32
C LEU A 209 12.39 -14.14 21.05
N ASN A 210 13.46 -14.64 20.43
CA ASN A 210 14.22 -15.77 20.99
C ASN A 210 15.52 -15.33 21.68
N PHE A 211 16.59 -15.13 20.91
CA PHE A 211 17.92 -14.93 21.47
C PHE A 211 18.01 -13.75 22.44
N TYR A 212 17.53 -12.58 22.00
CA TYR A 212 17.67 -11.35 22.80
C TYR A 212 16.84 -11.37 24.09
N PRO A 213 15.55 -11.76 24.00
CA PRO A 213 14.79 -11.86 25.24
C PRO A 213 15.29 -12.90 26.24
N ARG A 214 15.77 -14.04 25.75
CA ARG A 214 16.44 -15.04 26.59
C ARG A 214 17.53 -14.41 27.44
N THR A 215 18.43 -13.70 26.76
CA THR A 215 19.58 -13.04 27.39
C THR A 215 19.16 -12.11 28.52
N ILE A 216 18.07 -11.39 28.34
CA ILE A 216 17.61 -10.39 29.32
C ILE A 216 17.03 -11.03 30.58
N VAL A 217 16.14 -12.00 30.42
CA VAL A 217 15.50 -12.66 31.57
C VAL A 217 16.45 -13.60 32.32
N TYR B 12 8.15 13.29 -27.74
CA TYR B 12 6.92 13.45 -28.58
C TYR B 12 5.82 12.49 -28.10
N PHE B 13 4.88 13.01 -27.33
CA PHE B 13 3.84 12.17 -26.71
C PHE B 13 2.49 12.27 -27.42
N VAL B 14 1.74 11.17 -27.37
CA VAL B 14 0.46 11.04 -28.06
C VAL B 14 -0.64 10.52 -27.13
N GLU B 15 -1.72 11.29 -27.01
CA GLU B 15 -2.95 10.84 -26.34
C GLU B 15 -3.80 10.11 -27.39
N MET B 16 -3.98 8.81 -27.19
CA MET B 16 -4.59 7.95 -28.22
C MET B 16 -6.11 7.91 -28.20
N ASP B 17 -6.71 8.37 -27.10
CA ASP B 17 -8.16 8.20 -26.92
C ASP B 17 -8.74 9.20 -25.93
N VAL B 18 -9.46 10.18 -26.47
CA VAL B 18 -10.29 11.08 -25.65
C VAL B 18 -11.64 11.24 -26.33
N ARG B 19 -12.69 11.35 -25.54
CA ARG B 19 -14.06 11.16 -26.02
C ARG B 19 -14.97 12.33 -25.70
N ASP B 20 -14.38 13.49 -25.46
CA ASP B 20 -15.12 14.68 -25.06
C ASP B 20 -14.38 15.92 -25.53
N GLU B 21 -15.12 16.84 -26.14
CA GLU B 21 -14.54 18.10 -26.64
C GLU B 21 -13.69 18.79 -25.58
N GLU B 22 -14.27 18.98 -24.40
CA GLU B 22 -13.58 19.60 -23.26
C GLU B 22 -12.29 18.85 -22.88
N ALA B 23 -12.35 17.53 -22.91
CA ALA B 23 -11.18 16.71 -22.61
C ALA B 23 -10.11 16.84 -23.69
N HIS B 24 -10.56 16.87 -24.94
CA HIS B 24 -9.66 16.94 -26.08
C HIS B 24 -8.79 18.19 -26.04
N GLU B 25 -9.39 19.33 -25.73
CA GLU B 25 -8.67 20.61 -25.67
C GLU B 25 -7.69 20.67 -24.50
N LEU B 26 -8.01 20.02 -23.40
CA LEU B 26 -7.14 20.02 -22.21
C LEU B 26 -5.91 19.17 -22.47
N ALA B 27 -6.15 17.95 -22.96
CA ALA B 27 -5.06 17.06 -23.40
C ALA B 27 -4.15 17.76 -24.41
N SER B 28 -4.75 18.55 -25.28
CA SER B 28 -4.00 19.30 -26.29
C SER B 28 -3.03 20.34 -25.73
N ASP B 29 -3.19 20.71 -24.46
CA ASP B 29 -2.16 21.47 -23.76
C ASP B 29 -0.92 20.61 -23.55
N TRP B 30 -1.13 19.40 -23.07
CA TRP B 30 -0.05 18.52 -22.62
C TRP B 30 0.43 17.47 -23.64
N PHE B 31 -0.29 17.33 -24.74
CA PHE B 31 0.06 16.35 -25.79
C PHE B 31 0.30 16.97 -27.16
N ASP B 32 1.16 16.30 -27.93
CA ASP B 32 1.51 16.73 -29.28
C ASP B 32 0.51 16.28 -30.31
N GLU B 33 -0.10 15.14 -30.05
CA GLU B 33 -1.19 14.64 -30.88
C GLU B 33 -2.28 14.06 -29.97
N VAL B 34 -3.50 14.48 -30.23
CA VAL B 34 -4.66 13.99 -29.48
C VAL B 34 -5.69 13.46 -30.47
N VAL B 35 -6.03 12.19 -30.32
CA VAL B 35 -7.01 11.53 -31.17
C VAL B 35 -8.39 11.61 -30.52
N PHE B 36 -9.30 12.35 -31.13
CA PHE B 36 -10.69 12.35 -30.67
C PHE B 36 -11.28 10.99 -31.00
N THR B 37 -12.15 10.51 -30.13
CA THR B 37 -12.75 9.18 -30.29
C THR B 37 -14.26 9.25 -30.20
N LYS B 38 -14.91 8.71 -31.23
CA LYS B 38 -16.37 8.65 -31.29
C LYS B 38 -16.86 7.33 -30.68
N LYS B 39 -17.41 7.43 -29.47
CA LYS B 39 -18.01 6.27 -28.81
C LYS B 39 -19.27 5.89 -29.56
N LEU B 40 -19.37 4.63 -29.94
CA LEU B 40 -20.51 4.13 -30.72
C LEU B 40 -21.08 2.85 -30.13
N VAL B 41 -22.20 3.01 -29.41
CA VAL B 41 -22.92 1.89 -28.82
C VAL B 41 -23.76 1.21 -29.90
N LEU B 42 -23.70 -0.11 -29.94
CA LEU B 42 -24.22 -0.89 -31.06
C LEU B 42 -24.91 -2.17 -30.66
N GLU B 43 -26.06 -2.40 -31.29
CA GLU B 43 -26.73 -3.69 -31.28
C GLU B 43 -26.86 -4.26 -32.70
N ASP B 44 -27.25 -3.41 -33.63
N ASP B 44 -27.26 -3.42 -33.64
CA ASP B 44 -27.38 -3.78 -35.05
CA ASP B 44 -27.37 -3.80 -35.05
C ASP B 44 -26.55 -2.81 -35.90
C ASP B 44 -26.46 -2.89 -35.88
N PRO B 45 -26.45 -3.07 -37.22
CA PRO B 45 -25.73 -2.14 -38.10
C PRO B 45 -26.22 -0.68 -38.03
N PRO B 46 -25.30 0.29 -38.25
CA PRO B 46 -25.66 1.69 -38.27
C PRO B 46 -25.87 2.20 -39.69
N ASP B 47 -26.60 3.29 -39.83
CA ASP B 47 -26.74 3.99 -41.11
C ASP B 47 -25.36 4.50 -41.54
N TRP B 48 -24.77 3.85 -42.54
CA TRP B 48 -23.41 4.20 -42.97
C TRP B 48 -23.34 5.56 -43.70
N GLY B 49 -24.50 6.07 -44.09
CA GLY B 49 -24.60 7.44 -44.60
C GLY B 49 -24.37 8.44 -43.48
N SER B 50 -25.22 8.37 -42.46
CA SER B 50 -25.14 9.24 -41.29
C SER B 50 -23.80 9.14 -40.57
N LEU B 51 -23.26 7.93 -40.51
CA LEU B 51 -22.02 7.65 -39.77
C LEU B 51 -20.79 8.24 -40.45
N LYS B 52 -20.67 8.05 -41.76
CA LYS B 52 -19.55 8.62 -42.54
C LYS B 52 -19.57 10.14 -42.53
N GLU B 53 -20.78 10.69 -42.64
CA GLU B 53 -21.00 12.13 -42.51
C GLU B 53 -20.52 12.67 -41.17
N GLU B 54 -20.95 12.04 -40.09
CA GLU B 54 -20.54 12.43 -38.75
C GLU B 54 -19.04 12.28 -38.56
N LEU B 55 -18.46 11.22 -39.14
CA LEU B 55 -17.01 11.00 -39.08
C LEU B 55 -16.20 12.03 -39.86
N LYS B 56 -16.74 12.47 -40.98
CA LYS B 56 -16.05 13.47 -41.82
C LYS B 56 -15.98 14.85 -41.13
N GLU B 57 -17.05 15.23 -40.45
CA GLU B 57 -17.07 16.47 -39.67
C GLU B 57 -15.93 16.50 -38.64
N LEU B 58 -15.75 15.37 -37.97
CA LEU B 58 -14.72 15.24 -36.92
C LEU B 58 -13.30 15.31 -37.48
N ARG B 59 -13.10 14.80 -38.70
CA ARG B 59 -11.80 14.94 -39.36
C ARG B 59 -11.42 16.40 -39.57
N GLY B 60 -12.39 17.19 -40.01
CA GLY B 60 -12.20 18.63 -40.22
C GLY B 60 -12.10 19.42 -38.93
N LYS B 61 -12.77 18.93 -37.90
CA LYS B 61 -12.79 19.56 -36.57
C LYS B 61 -11.54 19.20 -35.75
N TYR B 62 -11.27 17.90 -35.61
CA TYR B 62 -10.20 17.40 -34.72
C TYR B 62 -9.00 16.75 -35.42
N GLY B 63 -8.96 16.81 -36.75
CA GLY B 63 -7.84 16.22 -37.51
C GLY B 63 -7.90 14.70 -37.61
N LYS B 64 -7.15 14.03 -36.74
CA LYS B 64 -7.17 12.56 -36.63
C LYS B 64 -8.32 12.11 -35.75
N VAL B 65 -9.05 11.10 -36.20
CA VAL B 65 -10.24 10.62 -35.49
C VAL B 65 -10.20 9.10 -35.35
N ALA B 66 -10.82 8.61 -34.27
CA ALA B 66 -10.96 7.17 -34.03
C ALA B 66 -12.41 6.80 -33.74
N LEU B 67 -12.76 5.58 -34.11
CA LEU B 67 -14.10 5.06 -33.92
C LEU B 67 -14.08 3.90 -32.92
N LEU B 68 -14.73 4.11 -31.78
CA LEU B 68 -14.80 3.11 -30.73
C LEU B 68 -16.12 2.35 -30.80
N LEU B 69 -16.02 1.03 -30.91
CA LEU B 69 -17.18 0.16 -30.93
C LEU B 69 -17.40 -0.46 -29.56
N VAL B 70 -18.60 -0.26 -29.04
CA VAL B 70 -19.04 -0.92 -27.81
C VAL B 70 -20.30 -1.69 -28.18
N THR B 71 -20.20 -3.00 -28.15
CA THR B 71 -21.26 -3.90 -28.63
C THR B 71 -21.08 -5.29 -28.06
N ARG B 72 -22.09 -6.13 -28.28
CA ARG B 72 -22.03 -7.55 -27.91
C ARG B 72 -22.08 -8.49 -29.13
N LYS B 73 -22.36 -7.93 -30.30
CA LYS B 73 -22.43 -8.71 -31.54
C LYS B 73 -21.09 -8.62 -32.26
N PRO B 74 -20.30 -9.71 -32.26
CA PRO B 74 -18.99 -9.69 -32.91
C PRO B 74 -19.01 -9.48 -34.42
N SER B 75 -20.13 -9.81 -35.06
CA SER B 75 -20.29 -9.58 -36.50
C SER B 75 -20.23 -8.09 -36.85
N LEU B 76 -20.70 -7.25 -35.93
CA LEU B 76 -20.66 -5.80 -36.13
C LEU B 76 -19.23 -5.25 -36.26
N ILE B 77 -18.29 -5.89 -35.58
CA ILE B 77 -16.86 -5.58 -35.76
C ILE B 77 -16.44 -5.94 -37.18
N ARG B 78 -16.79 -7.16 -37.61
CA ARG B 78 -16.39 -7.66 -38.92
CA ARG B 78 -16.40 -7.64 -38.94
C ARG B 78 -17.05 -6.85 -40.08
N GLU B 79 -18.14 -6.15 -39.78
CA GLU B 79 -18.94 -5.39 -40.75
C GLU B 79 -18.42 -3.96 -40.90
N VAL B 80 -18.28 -3.30 -39.76
CA VAL B 80 -17.69 -1.96 -39.69
C VAL B 80 -16.30 -1.97 -40.31
N LYS B 81 -15.46 -2.87 -39.82
CA LYS B 81 -14.11 -3.07 -40.37
C LYS B 81 -14.12 -3.13 -41.90
N SER B 82 -15.03 -3.92 -42.45
CA SER B 82 -15.16 -4.11 -43.91
C SER B 82 -15.51 -2.81 -44.66
N ARG B 83 -16.37 -1.99 -44.07
CA ARG B 83 -16.74 -0.67 -44.66
C ARG B 83 -15.51 0.19 -44.93
N ASN B 84 -14.43 -0.11 -44.20
CA ASN B 84 -13.10 0.44 -44.48
C ASN B 84 -13.11 1.97 -44.39
N LEU B 85 -13.46 2.46 -43.21
CA LEU B 85 -13.72 3.89 -43.01
C LEU B 85 -12.43 4.65 -42.81
N LYS B 86 -12.52 5.97 -42.92
CA LYS B 86 -11.36 6.87 -42.83
C LYS B 86 -11.13 7.31 -41.39
N ALA B 87 -10.91 6.32 -40.52
CA ALA B 87 -10.77 6.55 -39.07
C ALA B 87 -10.20 5.31 -38.38
N LEU B 88 -9.46 5.54 -37.30
CA LEU B 88 -8.87 4.44 -36.52
C LEU B 88 -9.97 3.63 -35.86
N LEU B 89 -9.85 2.31 -35.94
CA LEU B 89 -10.87 1.42 -35.40
C LEU B 89 -10.50 0.87 -34.03
N TYR B 90 -11.18 1.39 -33.02
CA TYR B 90 -11.05 0.87 -31.66
C TYR B 90 -12.23 0.02 -31.31
N VAL B 91 -12.04 -0.88 -30.35
CA VAL B 91 -13.12 -1.69 -29.80
C VAL B 91 -12.99 -1.80 -28.28
N GLN B 92 -14.10 -1.59 -27.60
CA GLN B 92 -14.19 -1.71 -26.16
C GLN B 92 -14.06 -3.18 -25.77
N GLY B 93 -13.16 -3.46 -24.85
CA GLY B 93 -12.98 -4.82 -24.34
C GLY B 93 -14.02 -5.17 -23.30
N GLY B 94 -13.98 -6.43 -22.86
CA GLY B 94 -14.85 -6.89 -21.77
C GLY B 94 -15.50 -8.25 -22.01
N ASP B 95 -16.05 -8.44 -23.21
CA ASP B 95 -16.94 -9.60 -23.45
C ASP B 95 -16.32 -11.02 -23.68
N MET B 96 -15.08 -11.07 -24.15
CA MET B 96 -14.33 -12.32 -24.51
C MET B 96 -14.62 -12.80 -25.93
N ARG B 97 -15.85 -12.60 -26.39
CA ARG B 97 -16.19 -12.76 -27.81
C ARG B 97 -15.62 -11.58 -28.57
N ILE B 98 -15.96 -10.39 -28.05
CA ILE B 98 -15.59 -9.12 -28.65
C ILE B 98 -14.07 -8.97 -28.62
N ASN B 99 -13.47 -9.27 -27.48
CA ASN B 99 -12.01 -9.30 -27.35
C ASN B 99 -11.41 -10.16 -28.45
N ARG B 100 -11.93 -11.37 -28.56
CA ARG B 100 -11.43 -12.39 -29.50
C ARG B 100 -11.58 -11.94 -30.95
N MET B 101 -12.80 -11.53 -31.31
CA MET B 101 -13.13 -11.08 -32.66
C MET B 101 -12.29 -9.87 -33.06
N ALA B 102 -12.18 -8.91 -32.15
CA ALA B 102 -11.41 -7.68 -32.38
C ALA B 102 -9.99 -7.97 -32.87
N ILE B 103 -9.34 -8.94 -32.23
CA ILE B 103 -7.98 -9.31 -32.60
C ILE B 103 -7.96 -10.00 -33.96
N GLU B 104 -8.85 -10.98 -34.13
CA GLU B 104 -8.99 -11.71 -35.40
C GLU B 104 -9.21 -10.79 -36.60
N SER B 105 -10.09 -9.80 -36.41
CA SER B 105 -10.47 -8.84 -37.47
C SER B 105 -9.37 -7.86 -37.90
N GLY B 106 -8.28 -7.81 -37.15
CA GLY B 106 -7.13 -6.96 -37.50
C GLY B 106 -7.36 -5.49 -37.19
N VAL B 107 -8.28 -5.21 -36.27
CA VAL B 107 -8.57 -3.84 -35.82
C VAL B 107 -7.32 -3.13 -35.34
N ASP B 108 -7.41 -1.80 -35.25
CA ASP B 108 -6.26 -0.98 -34.90
C ASP B 108 -5.86 -1.17 -33.44
N ALA B 109 -6.86 -1.31 -32.57
CA ALA B 109 -6.61 -1.52 -31.14
C ALA B 109 -7.82 -2.06 -30.39
N LEU B 110 -7.54 -2.89 -29.40
CA LEU B 110 -8.54 -3.37 -28.45
C LEU B 110 -8.34 -2.62 -27.13
N ILE B 111 -9.42 -1.99 -26.65
CA ILE B 111 -9.36 -1.13 -25.48
C ILE B 111 -9.84 -1.83 -24.23
N SER B 112 -8.90 -2.13 -23.33
CA SER B 112 -9.20 -2.61 -21.97
C SER B 112 -10.01 -3.92 -21.96
N PRO B 113 -9.36 -5.04 -22.35
CA PRO B 113 -10.02 -6.35 -22.40
C PRO B 113 -10.60 -6.82 -21.06
N TRP B 114 -10.11 -6.24 -19.97
CA TRP B 114 -10.55 -6.56 -18.61
C TRP B 114 -11.79 -5.80 -18.16
N PHE B 115 -12.28 -4.87 -18.98
CA PHE B 115 -13.38 -3.98 -18.58
C PHE B 115 -14.59 -4.74 -18.06
N GLY B 116 -14.96 -4.46 -16.81
CA GLY B 116 -16.12 -5.08 -16.17
C GLY B 116 -16.00 -6.56 -15.83
N ARG B 117 -14.81 -7.13 -16.03
CA ARG B 117 -14.58 -8.57 -15.84
C ARG B 117 -14.08 -8.89 -14.43
N LYS B 118 -14.07 -10.18 -14.12
CA LYS B 118 -13.45 -10.70 -12.90
C LYS B 118 -12.14 -11.45 -13.20
N ASP B 119 -11.56 -11.14 -14.36
CA ASP B 119 -10.30 -11.74 -14.83
C ASP B 119 -9.78 -10.91 -16.02
N PRO B 120 -8.48 -11.07 -16.38
CA PRO B 120 -7.88 -10.21 -17.42
C PRO B 120 -8.56 -10.21 -18.79
N GLY B 121 -9.26 -11.29 -19.11
CA GLY B 121 -9.93 -11.42 -20.42
C GLY B 121 -8.94 -11.40 -21.57
N PHE B 122 -7.81 -12.05 -21.35
CA PHE B 122 -6.67 -12.00 -22.28
C PHE B 122 -5.68 -13.07 -21.87
N ASP B 123 -5.19 -13.82 -22.87
CA ASP B 123 -4.33 -14.98 -22.61
C ASP B 123 -3.19 -15.07 -23.63
N HIS B 124 -2.35 -16.08 -23.49
CA HIS B 124 -1.22 -16.32 -24.41
C HIS B 124 -1.65 -16.41 -25.88
N THR B 125 -2.83 -16.95 -26.13
CA THR B 125 -3.35 -17.12 -27.50
C THR B 125 -3.70 -15.79 -28.14
N LEU B 126 -4.55 -15.01 -27.47
CA LEU B 126 -4.97 -13.70 -27.95
C LEU B 126 -3.78 -12.77 -28.19
N ALA B 127 -2.76 -12.92 -27.35
CA ALA B 127 -1.49 -12.19 -27.50
C ALA B 127 -0.76 -12.58 -28.79
N GLY B 128 -0.71 -13.88 -29.06
CA GLY B 128 -0.11 -14.39 -30.29
C GLY B 128 -0.77 -13.81 -31.53
N MET B 129 -2.11 -13.82 -31.52
CA MET B 129 -2.90 -13.31 -32.64
C MET B 129 -2.75 -11.79 -32.79
N ALA B 130 -2.82 -11.09 -31.66
CA ALA B 130 -2.66 -9.63 -31.63
C ALA B 130 -1.33 -9.21 -32.27
N ALA B 131 -0.26 -9.91 -31.88
CA ALA B 131 1.07 -9.68 -32.43
C ALA B 131 1.11 -9.92 -33.95
N ARG B 132 0.57 -11.06 -34.37
CA ARG B 132 0.48 -11.40 -35.80
C ARG B 132 -0.31 -10.38 -36.61
N ARG B 133 -1.51 -10.07 -36.12
CA ARG B 133 -2.45 -9.19 -36.83
C ARG B 133 -2.12 -7.70 -36.67
N GLY B 134 -1.20 -7.39 -35.76
CA GLY B 134 -0.78 -6.00 -35.52
C GLY B 134 -1.80 -5.19 -34.75
N VAL B 135 -2.55 -5.87 -33.89
CA VAL B 135 -3.61 -5.25 -33.11
C VAL B 135 -3.05 -4.79 -31.78
N ALA B 136 -3.19 -3.49 -31.51
CA ALA B 136 -2.68 -2.92 -30.27
C ALA B 136 -3.66 -3.13 -29.11
N ILE B 137 -3.14 -2.99 -27.90
CA ILE B 137 -3.90 -3.11 -26.67
C ILE B 137 -3.89 -1.77 -25.94
N GLY B 138 -5.08 -1.32 -25.55
CA GLY B 138 -5.26 -0.04 -24.88
C GLY B 138 -5.32 -0.19 -23.38
N PHE B 139 -4.37 0.44 -22.70
CA PHE B 139 -4.33 0.45 -21.25
C PHE B 139 -4.97 1.75 -20.79
N SER B 140 -6.28 1.69 -20.53
CA SER B 140 -7.06 2.87 -20.19
C SER B 140 -7.00 3.16 -18.70
N LEU B 141 -6.87 4.44 -18.37
CA LEU B 141 -6.88 4.91 -16.98
C LEU B 141 -8.30 5.14 -16.45
N SER B 142 -9.22 5.54 -17.33
CA SER B 142 -10.56 5.98 -16.93
C SER B 142 -11.29 5.05 -15.95
N PRO B 143 -11.25 3.72 -16.20
CA PRO B 143 -11.85 2.79 -15.23
C PRO B 143 -11.27 2.88 -13.82
N LEU B 144 -9.94 3.03 -13.72
CA LEU B 144 -9.28 3.16 -12.41
C LEU B 144 -9.80 4.37 -11.66
N LEU B 145 -9.85 5.52 -12.33
CA LEU B 145 -10.40 6.74 -11.73
C LEU B 145 -11.80 6.53 -11.17
N ASN B 146 -12.61 5.78 -11.90
CA ASN B 146 -14.02 5.58 -11.54
C ASN B 146 -14.28 4.42 -10.58
N ALA B 147 -13.30 3.54 -10.44
CA ALA B 147 -13.44 2.38 -9.56
C ALA B 147 -13.17 2.75 -8.11
N ASN B 148 -13.58 1.84 -7.22
CA ASN B 148 -13.32 1.97 -5.78
C ASN B 148 -12.10 1.11 -5.41
N PRO B 149 -11.45 1.39 -4.27
CA PRO B 149 -10.18 0.74 -3.90
C PRO B 149 -10.08 -0.75 -4.25
N TYR B 150 -11.12 -1.50 -3.93
CA TYR B 150 -11.18 -2.92 -4.30
C TYR B 150 -11.02 -3.06 -5.81
N GLY B 151 -11.89 -2.40 -6.55
CA GLY B 151 -11.85 -2.40 -8.02
C GLY B 151 -10.51 -1.97 -8.58
N ARG B 152 -9.95 -0.89 -8.01
CA ARG B 152 -8.62 -0.41 -8.39
C ARG B 152 -7.61 -1.56 -8.38
N ALA B 153 -7.57 -2.26 -7.26
CA ALA B 153 -6.63 -3.36 -7.05
C ALA B 153 -6.88 -4.49 -8.04
N GLN B 154 -8.15 -4.81 -8.27
CA GLN B 154 -8.52 -5.87 -9.23
C GLN B 154 -8.00 -5.52 -10.62
N ILE B 155 -8.34 -4.30 -11.07
CA ILE B 155 -7.97 -3.84 -12.40
C ILE B 155 -6.45 -3.86 -12.58
N LEU B 156 -5.73 -3.33 -11.59
CA LEU B 156 -4.28 -3.29 -11.66
C LEU B 156 -3.67 -4.70 -11.81
N ARG B 157 -4.25 -5.69 -11.14
CA ARG B 157 -3.83 -7.08 -11.29
C ARG B 157 -4.00 -7.55 -12.72
N PHE B 158 -5.15 -7.23 -13.29
CA PHE B 158 -5.45 -7.63 -14.66
C PHE B 158 -4.45 -7.00 -15.62
N MET B 159 -4.24 -5.70 -15.41
CA MET B 159 -3.30 -4.92 -16.23
C MET B 159 -1.89 -5.51 -16.18
N MET B 160 -1.51 -6.02 -15.02
CA MET B 160 -0.20 -6.62 -14.80
C MET B 160 -0.03 -7.88 -15.66
N LYS B 161 -0.98 -8.81 -15.54
CA LYS B 161 -0.96 -10.03 -16.36
C LYS B 161 -0.93 -9.69 -17.84
N THR B 162 -1.80 -8.78 -18.24
CA THR B 162 -1.88 -8.36 -19.65
C THR B 162 -0.53 -7.85 -20.13
N TRP B 163 0.10 -7.00 -19.33
CA TRP B 163 1.41 -6.45 -19.66
C TRP B 163 2.48 -7.54 -19.82
N GLN B 164 2.47 -8.50 -18.89
CA GLN B 164 3.43 -9.61 -18.95
C GLN B 164 3.34 -10.32 -20.30
N LEU B 165 2.10 -10.57 -20.73
CA LEU B 165 1.82 -11.19 -22.03
C LEU B 165 2.19 -10.25 -23.17
N VAL B 166 1.69 -9.02 -23.08
CA VAL B 166 1.90 -7.99 -24.09
C VAL B 166 3.40 -7.79 -24.36
N LYS B 167 4.20 -7.79 -23.31
CA LYS B 167 5.65 -7.69 -23.45
C LYS B 167 6.27 -8.93 -24.10
N LYS B 168 5.81 -10.10 -23.68
CA LYS B 168 6.37 -11.37 -24.16
C LYS B 168 6.19 -11.59 -25.65
N TYR B 169 4.99 -11.31 -26.16
CA TYR B 169 4.69 -11.55 -27.59
C TYR B 169 4.92 -10.33 -28.49
N ARG B 170 5.61 -9.32 -27.96
N ARG B 170 5.64 -9.32 -27.97
CA ARG B 170 5.92 -8.08 -28.71
CA ARG B 170 5.92 -8.08 -28.70
C ARG B 170 4.65 -7.39 -29.23
C ARG B 170 4.66 -7.42 -29.23
N VAL B 171 3.59 -7.48 -28.44
CA VAL B 171 2.28 -6.95 -28.85
C VAL B 171 2.31 -5.43 -28.76
N PRO B 172 1.84 -4.74 -29.82
CA PRO B 172 1.78 -3.28 -29.73
C PRO B 172 0.77 -2.82 -28.69
N ARG B 173 1.02 -1.65 -28.11
CA ARG B 173 0.19 -1.15 -27.02
C ARG B 173 0.44 0.32 -26.78
N PHE B 174 -0.49 0.93 -26.06
CA PHE B 174 -0.35 2.30 -25.62
C PHE B 174 -1.05 2.47 -24.29
N ILE B 175 -0.74 3.59 -23.62
CA ILE B 175 -1.47 4.01 -22.43
C ILE B 175 -2.33 5.21 -22.81
N THR B 176 -3.49 5.32 -22.18
CA THR B 176 -4.43 6.38 -22.51
C THR B 176 -5.38 6.72 -21.38
N SER B 177 -5.89 7.94 -21.45
CA SER B 177 -6.87 8.43 -20.48
C SER B 177 -8.24 7.81 -20.72
N SER B 178 -8.61 7.66 -21.98
CA SER B 178 -9.98 7.31 -22.37
C SER B 178 -10.96 8.27 -21.68
N ALA B 179 -10.60 9.54 -21.65
CA ALA B 179 -11.32 10.54 -20.89
C ALA B 179 -12.64 10.87 -21.55
N GLU B 180 -13.72 10.74 -20.79
CA GLU B 180 -15.05 11.17 -21.23
C GLU B 180 -15.41 12.54 -20.64
N SER B 181 -14.48 13.10 -19.87
CA SER B 181 -14.56 14.48 -19.42
C SER B 181 -13.15 14.96 -19.05
N ARG B 182 -12.99 16.27 -18.96
CA ARG B 182 -11.67 16.86 -18.73
C ARG B 182 -11.04 16.42 -17.41
N TRP B 183 -11.87 16.09 -16.43
CA TRP B 183 -11.35 15.64 -15.11
C TRP B 183 -10.63 14.30 -15.19
N GLU B 184 -10.93 13.52 -16.23
CA GLU B 184 -10.28 12.22 -16.45
C GLU B 184 -8.96 12.31 -17.23
N VAL B 185 -8.56 13.52 -17.59
CA VAL B 185 -7.36 13.73 -18.42
C VAL B 185 -6.12 13.79 -17.53
N ARG B 186 -5.02 13.24 -18.04
CA ARG B 186 -3.72 13.25 -17.35
C ARG B 186 -2.60 13.49 -18.35
N GLY B 187 -1.51 14.08 -17.87
CA GLY B 187 -0.34 14.34 -18.71
C GLY B 187 0.49 13.10 -19.05
N PRO B 188 1.44 13.22 -20.01
CA PRO B 188 2.25 12.10 -20.48
C PRO B 188 2.98 11.32 -19.39
N ARG B 189 3.67 12.03 -18.51
CA ARG B 189 4.40 11.41 -17.40
C ARG B 189 3.43 10.86 -16.35
N ASP B 190 2.32 11.56 -16.16
CA ASP B 190 1.26 11.09 -15.28
C ASP B 190 0.71 9.74 -15.73
N LEU B 191 0.57 9.57 -17.03
CA LEU B 191 0.14 8.29 -17.62
C LEU B 191 1.24 7.24 -17.58
N MET B 192 2.50 7.64 -17.72
CA MET B 192 3.61 6.69 -17.66
C MET B 192 3.73 5.99 -16.31
N SER B 193 3.30 6.68 -15.25
CA SER B 193 3.23 6.09 -13.91
C SER B 193 2.42 4.80 -13.90
N LEU B 194 1.30 4.81 -14.60
CA LEU B 194 0.44 3.64 -14.68
C LEU B 194 1.21 2.47 -15.29
N GLY B 195 1.79 2.71 -16.45
CA GLY B 195 2.64 1.71 -17.12
C GLY B 195 3.72 1.18 -16.20
N ILE B 196 4.47 2.10 -15.62
CA ILE B 196 5.61 1.75 -14.75
C ILE B 196 5.20 0.89 -13.56
N ASN B 197 4.15 1.30 -12.87
CA ASN B 197 3.66 0.58 -11.68
C ASN B 197 2.93 -0.74 -12.01
N ILE B 198 2.56 -0.89 -13.29
CA ILE B 198 2.05 -2.15 -13.82
C ILE B 198 3.19 -3.11 -14.20
N GLY B 199 4.41 -2.57 -14.27
CA GLY B 199 5.61 -3.39 -14.51
C GLY B 199 6.51 -2.94 -15.64
N MET B 200 6.08 -1.93 -16.40
CA MET B 200 6.86 -1.42 -17.53
CA MET B 200 6.86 -1.43 -17.53
C MET B 200 8.10 -0.71 -17.02
N GLU B 201 9.22 -0.91 -17.72
CA GLU B 201 10.43 -0.12 -17.47
C GLU B 201 10.17 1.24 -18.10
N ILE B 202 10.93 2.25 -17.70
CA ILE B 202 10.69 3.62 -18.15
C ILE B 202 10.71 3.78 -19.68
N PRO B 203 11.74 3.23 -20.36
CA PRO B 203 11.77 3.28 -21.84
C PRO B 203 10.57 2.63 -22.53
N GLU B 204 10.06 1.55 -21.95
CA GLU B 204 8.87 0.88 -22.47
C GLU B 204 7.62 1.76 -22.29
N ALA B 205 7.49 2.37 -21.13
CA ALA B 205 6.37 3.25 -20.81
C ALA B 205 6.35 4.52 -21.68
N ARG B 206 7.53 5.00 -22.05
CA ARG B 206 7.65 6.14 -22.98
C ARG B 206 7.20 5.73 -24.39
N ALA B 207 7.54 4.52 -24.78
CA ALA B 207 7.15 4.00 -26.10
C ALA B 207 5.63 3.83 -26.24
N SER B 208 4.95 3.54 -25.14
CA SER B 208 3.48 3.45 -25.12
C SER B 208 2.79 4.77 -25.41
N LEU B 209 3.55 5.87 -25.32
CA LEU B 209 3.04 7.20 -25.70
C LEU B 209 3.71 7.76 -26.97
N ASN B 210 4.94 7.32 -27.23
CA ASN B 210 5.72 7.83 -28.36
C ASN B 210 5.74 6.85 -29.55
N PHE B 211 6.64 5.86 -29.51
CA PHE B 211 6.92 5.01 -30.67
C PHE B 211 5.68 4.29 -31.21
N TYR B 212 4.96 3.61 -30.32
CA TYR B 212 3.82 2.79 -30.73
C TYR B 212 2.63 3.62 -31.26
N PRO B 213 2.24 4.68 -30.56
CA PRO B 213 1.16 5.53 -31.11
C PRO B 213 1.49 6.23 -32.43
N ARG B 214 2.73 6.68 -32.58
CA ARG B 214 3.21 7.23 -33.86
C ARG B 214 2.92 6.25 -35.00
N THR B 215 3.35 5.01 -34.82
CA THR B 215 3.19 3.95 -35.82
C THR B 215 1.75 3.77 -36.27
N ILE B 216 0.83 3.87 -35.31
CA ILE B 216 -0.59 3.64 -35.58
C ILE B 216 -1.25 4.76 -36.38
N VAL B 217 -1.03 6.01 -35.98
CA VAL B 217 -1.63 7.16 -36.66
C VAL B 217 -0.97 7.44 -38.03
N LYS C 15 4.34 -18.22 -8.43
CA LYS C 15 3.85 -19.07 -7.30
C LYS C 15 3.02 -18.27 -6.30
N ASN C 16 1.98 -18.93 -5.79
CA ASN C 16 1.21 -18.44 -4.66
C ASN C 16 1.63 -19.14 -3.37
N ARG C 17 1.17 -18.58 -2.26
CA ARG C 17 1.31 -19.19 -0.94
C ARG C 17 -0.01 -19.06 -0.18
N TYR C 18 -0.24 -20.01 0.72
CA TYR C 18 -1.51 -20.11 1.45
C TYR C 18 -1.28 -19.97 2.94
N ILE C 19 -2.02 -19.06 3.56
CA ILE C 19 -1.90 -18.81 4.99
C ILE C 19 -3.13 -19.33 5.69
N ALA C 20 -2.92 -20.27 6.61
CA ALA C 20 -3.98 -20.76 7.48
C ALA C 20 -3.98 -19.89 8.73
N PHE C 21 -5.17 -19.48 9.16
CA PHE C 21 -5.29 -18.61 10.33
C PHE C 21 -6.47 -18.96 11.21
N GLN C 22 -6.33 -18.63 12.49
CA GLN C 22 -7.42 -18.71 13.47
C GLN C 22 -7.95 -17.32 13.75
N VAL C 23 -9.23 -17.25 14.08
CA VAL C 23 -9.90 -15.99 14.40
C VAL C 23 -10.50 -16.04 15.79
N ILE C 24 -9.97 -15.20 16.68
CA ILE C 24 -10.48 -15.07 18.05
C ILE C 24 -11.28 -13.78 18.14
N GLY C 25 -12.53 -13.86 18.59
CA GLY C 25 -13.38 -12.69 18.69
C GLY C 25 -14.41 -12.74 19.79
N GLU C 26 -15.08 -11.60 20.00
CA GLU C 26 -16.18 -11.48 20.96
C GLU C 26 -17.31 -12.45 20.68
N ARG C 27 -17.37 -12.91 19.43
CA ARG C 27 -18.49 -13.71 18.95
C ARG C 27 -18.02 -14.43 17.69
N PRO C 28 -18.72 -15.50 17.30
CA PRO C 28 -18.36 -16.18 16.06
C PRO C 28 -18.78 -15.35 14.85
N PHE C 29 -17.91 -15.32 13.85
CA PHE C 29 -18.11 -14.55 12.63
C PHE C 29 -18.53 -15.49 11.50
N LYS C 30 -19.06 -14.92 10.42
CA LYS C 30 -19.53 -15.69 9.25
C LYS C 30 -18.57 -15.49 8.07
N LYS C 31 -18.69 -16.37 7.08
CA LYS C 31 -17.85 -16.32 5.87
C LYS C 31 -17.78 -14.93 5.23
N ASP C 32 -18.96 -14.36 4.99
CA ASP C 32 -19.08 -13.04 4.33
C ASP C 32 -18.28 -11.93 5.04
N GLU C 33 -18.26 -11.98 6.36
CA GLU C 33 -17.56 -10.94 7.17
C GLU C 33 -16.05 -11.01 7.04
N ILE C 34 -15.49 -12.22 7.11
CA ILE C 34 -14.05 -12.43 6.99
C ILE C 34 -13.56 -12.15 5.57
N LYS C 35 -14.29 -12.65 4.58
CA LYS C 35 -14.01 -12.35 3.17
C LYS C 35 -13.83 -10.85 3.00
N LYS C 36 -14.81 -10.11 3.50
CA LYS C 36 -14.79 -8.64 3.48
C LYS C 36 -13.59 -8.08 4.26
N ALA C 37 -13.38 -8.61 5.46
CA ALA C 37 -12.33 -8.11 6.37
C ALA C 37 -10.91 -8.29 5.84
N VAL C 38 -10.70 -9.35 5.06
CA VAL C 38 -9.39 -9.58 4.40
C VAL C 38 -9.08 -8.43 3.44
N TRP C 39 -10.09 -8.00 2.69
CA TRP C 39 -10.01 -6.81 1.83
C TRP C 39 -10.43 -5.57 2.61
N GLU C 40 -9.49 -5.05 3.39
CA GLU C 40 -9.73 -3.93 4.31
C GLU C 40 -8.45 -3.75 5.10
N ALA C 41 -7.99 -4.89 5.63
CA ALA C 41 -6.65 -5.04 6.19
C ALA C 41 -5.60 -4.76 5.13
N SER C 42 -5.72 -5.45 3.99
CA SER C 42 -4.81 -5.25 2.85
C SER C 42 -4.96 -3.85 2.21
N LEU C 43 -6.20 -3.37 2.14
CA LEU C 43 -6.47 -2.08 1.51
C LEU C 43 -5.96 -0.88 2.29
N SER C 44 -6.01 -0.97 3.61
CA SER C 44 -5.45 0.10 4.45
C SER C 44 -3.94 -0.09 4.66
N ALA C 45 -3.49 -1.33 4.78
CA ALA C 45 -2.08 -1.61 5.04
C ALA C 45 -1.19 -1.42 3.82
N LEU C 46 -1.61 -2.02 2.71
CA LEU C 46 -0.84 -2.01 1.46
C LEU C 46 -1.41 -1.11 0.37
N GLY C 47 -2.63 -0.62 0.57
CA GLY C 47 -3.32 0.16 -0.46
C GLY C 47 -3.71 -0.70 -1.65
N TYR C 48 -4.39 -0.09 -2.62
CA TYR C 48 -4.88 -0.84 -3.78
C TYR C 48 -3.75 -1.28 -4.70
N LEU C 49 -2.69 -0.49 -4.78
CA LEU C 49 -1.50 -0.87 -5.56
C LEU C 49 -0.76 -2.04 -4.90
N GLY C 50 -0.37 -1.84 -3.64
CA GLY C 50 0.27 -2.91 -2.86
C GLY C 50 -0.59 -4.16 -2.80
N SER C 51 -1.90 -3.95 -2.65
CA SER C 51 -2.88 -5.05 -2.68
C SER C 51 -2.84 -5.78 -4.03
N ALA C 52 -2.74 -5.02 -5.10
CA ALA C 52 -2.66 -5.59 -6.46
C ALA C 52 -1.37 -6.36 -6.70
N ARG C 53 -0.30 -5.96 -6.01
CA ARG C 53 0.99 -6.64 -6.12
C ARG C 53 1.03 -7.92 -5.32
N ALA C 54 0.40 -7.89 -4.15
CA ALA C 54 0.37 -9.05 -3.24
C ALA C 54 -0.64 -10.10 -3.71
N LYS C 55 -1.72 -9.65 -4.33
CA LYS C 55 -2.77 -10.52 -4.85
C LYS C 55 -3.34 -11.42 -3.75
N PRO C 56 -3.99 -10.80 -2.75
CA PRO C 56 -4.65 -11.59 -1.69
C PRO C 56 -5.93 -12.17 -2.23
N TRP C 57 -6.30 -13.35 -1.73
CA TRP C 57 -7.52 -14.01 -2.18
C TRP C 57 -8.07 -14.97 -1.13
N PHE C 58 -9.20 -14.59 -0.55
CA PHE C 58 -9.94 -15.42 0.41
C PHE C 58 -10.35 -16.75 -0.23
N ILE C 59 -10.03 -17.85 0.43
CA ILE C 59 -10.37 -19.18 -0.07
C ILE C 59 -11.58 -19.75 0.67
N LYS C 60 -11.42 -20.04 1.95
CA LYS C 60 -12.49 -20.64 2.75
C LYS C 60 -12.36 -20.29 4.22
N PHE C 61 -13.50 -20.33 4.91
CA PHE C 61 -13.55 -20.11 6.36
C PHE C 61 -14.48 -21.13 7.01
N ASP C 62 -14.00 -21.78 8.07
CA ASP C 62 -14.75 -22.79 8.80
C ASP C 62 -15.38 -22.18 10.05
N GLU C 63 -16.67 -21.88 9.96
CA GLU C 63 -17.40 -21.17 11.03
C GLU C 63 -17.44 -21.94 12.35
N LYS C 64 -17.47 -23.27 12.28
CA LYS C 64 -17.41 -24.12 13.47
C LYS C 64 -16.16 -23.81 14.30
N SER C 65 -15.01 -23.94 13.64
CA SER C 65 -13.70 -23.82 14.31
C SER C 65 -13.06 -22.45 14.19
N GLN C 66 -13.72 -21.54 13.48
CA GLN C 66 -13.22 -20.16 13.32
C GLN C 66 -11.83 -20.11 12.71
N THR C 67 -11.57 -21.00 11.78
CA THR C 67 -10.31 -21.04 11.05
C THR C 67 -10.56 -20.80 9.57
N GLY C 68 -9.57 -20.25 8.89
CA GLY C 68 -9.70 -19.95 7.47
C GLY C 68 -8.41 -20.13 6.68
N ILE C 69 -8.52 -19.86 5.38
CA ILE C 69 -7.35 -19.83 4.48
C ILE C 69 -7.41 -18.59 3.61
N VAL C 70 -6.25 -18.02 3.33
CA VAL C 70 -6.13 -16.90 2.40
C VAL C 70 -4.89 -17.11 1.51
N ARG C 71 -4.99 -16.66 0.27
CA ARG C 71 -3.94 -16.86 -0.72
C ARG C 71 -3.18 -15.56 -0.95
N VAL C 72 -1.89 -15.68 -1.24
CA VAL C 72 -1.06 -14.52 -1.64
C VAL C 72 0.10 -14.93 -2.51
N ASP C 73 0.65 -13.96 -3.23
CA ASP C 73 1.93 -14.14 -3.91
C ASP C 73 2.99 -14.47 -2.86
N ARG C 74 3.95 -15.32 -3.22
CA ARG C 74 4.96 -15.80 -2.26
C ARG C 74 5.84 -14.68 -1.70
N LYS C 75 6.11 -13.68 -2.53
CA LYS C 75 6.95 -12.54 -2.15
C LYS C 75 6.29 -11.67 -1.10
N HIS C 76 4.96 -11.61 -1.11
CA HIS C 76 4.19 -10.70 -0.24
C HIS C 76 3.42 -11.41 0.88
N VAL C 77 4.05 -12.40 1.49
CA VAL C 77 3.41 -13.17 2.57
C VAL C 77 3.39 -12.32 3.85
N GLU C 78 4.58 -11.94 4.29
N GLU C 78 4.58 -11.95 4.30
CA GLU C 78 4.77 -11.20 5.54
CA GLU C 78 4.76 -11.21 5.55
C GLU C 78 3.99 -9.89 5.56
C GLU C 78 3.99 -9.88 5.56
N GLU C 79 3.84 -9.27 4.39
CA GLU C 79 3.00 -8.09 4.21
C GLU C 79 1.57 -8.38 4.63
N LEU C 80 1.00 -9.44 4.07
CA LEU C 80 -0.38 -9.82 4.37
C LEU C 80 -0.52 -10.35 5.80
N ARG C 81 0.49 -11.05 6.30
CA ARG C 81 0.47 -11.50 7.69
C ARG C 81 0.42 -10.29 8.60
N PHE C 82 1.17 -9.26 8.24
CA PHE C 82 1.19 -8.01 8.99
C PHE C 82 -0.17 -7.32 8.89
N ALA C 83 -0.72 -7.30 7.69
CA ALA C 83 -2.01 -6.66 7.44
C ALA C 83 -3.11 -7.19 8.35
N LEU C 84 -3.10 -8.50 8.57
CA LEU C 84 -4.13 -9.16 9.39
C LEU C 84 -3.88 -9.00 10.89
N THR C 85 -2.61 -8.98 11.29
CA THR C 85 -2.28 -8.71 12.70
C THR C 85 -2.72 -7.29 13.06
N MET C 86 -2.49 -6.37 12.11
CA MET C 86 -2.94 -4.98 12.23
C MET C 86 -4.45 -4.81 12.40
N LEU C 87 -5.21 -5.83 12.05
CA LEU C 87 -6.66 -5.76 12.25
C LEU C 87 -7.03 -5.64 13.72
N THR C 88 -8.15 -4.99 13.97
CA THR C 88 -8.63 -4.72 15.34
C THR C 88 -10.10 -5.10 15.52
N GLU C 89 -10.92 -4.69 14.55
CA GLU C 89 -12.36 -4.68 14.70
C GLU C 89 -13.04 -5.10 13.39
N ILE C 90 -13.99 -6.02 13.50
CA ILE C 90 -14.83 -6.42 12.37
C ILE C 90 -16.29 -6.24 12.73
N ASN C 91 -16.93 -5.27 12.10
CA ASN C 91 -18.35 -4.96 12.35
C ASN C 91 -18.64 -4.74 13.83
N GLY C 92 -17.85 -3.86 14.44
CA GLY C 92 -18.10 -3.39 15.81
C GLY C 92 -17.85 -4.43 16.89
N SER C 93 -17.05 -5.44 16.56
CA SER C 93 -16.69 -6.50 17.50
C SER C 93 -15.21 -6.82 17.39
N LYS C 94 -14.49 -6.60 18.48
CA LYS C 94 -13.03 -6.79 18.52
C LYS C 94 -12.60 -8.18 18.08
N VAL C 95 -11.44 -8.24 17.43
CA VAL C 95 -10.95 -9.46 16.78
C VAL C 95 -9.47 -9.64 17.00
N ILE C 96 -9.02 -10.89 16.92
CA ILE C 96 -7.60 -11.22 16.82
C ILE C 96 -7.40 -12.29 15.76
N PHE C 97 -6.55 -12.01 14.78
CA PHE C 97 -6.14 -13.02 13.80
C PHE C 97 -4.83 -13.64 14.23
N ARG C 98 -4.80 -14.97 14.23
CA ARG C 98 -3.58 -15.71 14.51
C ARG C 98 -3.27 -16.64 13.35
N THR C 99 -2.08 -16.47 12.77
CA THR C 99 -1.66 -17.31 11.66
C THR C 99 -1.13 -18.62 12.21
N LEU C 100 -1.71 -19.72 11.74
CA LEU C 100 -1.34 -21.05 12.21
C LEU C 100 -0.17 -21.61 11.41
N GLY C 101 0.02 -21.11 10.19
CA GLY C 101 1.13 -21.54 9.37
C GLY C 101 0.96 -21.16 7.92
N VAL C 102 2.01 -21.43 7.15
CA VAL C 102 2.04 -21.13 5.72
C VAL C 102 2.46 -22.38 4.95
N SER C 103 1.97 -22.48 3.71
CA SER C 103 2.28 -23.61 2.84
C SER C 103 2.09 -23.26 1.38
N GLY C 104 2.78 -24.00 0.52
CA GLY C 104 2.70 -23.81 -0.94
C GLY C 104 1.46 -24.39 -1.60
N THR C 105 0.72 -25.21 -0.85
CA THR C 105 -0.49 -25.88 -1.35
C THR C 105 -1.54 -26.05 -0.25
N ILE C 106 -2.82 -26.01 -0.64
CA ILE C 106 -3.93 -26.23 0.30
C ILE C 106 -3.91 -27.67 0.84
N LYS C 107 -3.37 -28.58 0.04
CA LYS C 107 -3.16 -29.98 0.45
C LYS C 107 -2.30 -30.04 1.72
N ARG C 108 -1.07 -29.54 1.64
CA ARG C 108 -0.17 -29.54 2.79
C ARG C 108 -0.69 -28.67 3.95
N LEU C 109 -1.30 -27.54 3.61
CA LEU C 109 -1.82 -26.61 4.61
C LEU C 109 -2.90 -27.26 5.49
N LYS C 110 -3.90 -27.85 4.86
CA LYS C 110 -5.00 -28.48 5.58
C LYS C 110 -4.51 -29.62 6.48
N ARG C 111 -3.58 -30.42 5.95
CA ARG C 111 -2.98 -31.52 6.72
C ARG C 111 -2.18 -30.98 7.89
N LYS C 112 -1.18 -30.16 7.58
CA LYS C 112 -0.18 -29.72 8.54
C LYS C 112 -0.77 -28.89 9.67
N PHE C 113 -1.67 -27.97 9.32
CA PHE C 113 -2.15 -26.95 10.27
C PHE C 113 -3.65 -26.96 10.61
N LEU C 114 -4.48 -27.43 9.68
CA LEU C 114 -5.96 -27.37 9.86
C LEU C 114 -6.63 -28.71 10.14
N ALA C 115 -5.86 -29.80 10.10
CA ALA C 115 -6.38 -31.13 10.45
C ALA C 115 -6.97 -31.15 11.85
N GLU C 116 -6.39 -30.35 12.73
CA GLU C 116 -6.79 -30.28 14.14
C GLU C 116 -8.17 -29.72 14.41
N TYR C 117 -8.74 -29.00 13.46
CA TYR C 117 -9.93 -28.19 13.73
C TYR C 117 -11.37 -28.69 13.41
N GLY C 118 -11.59 -29.71 12.58
CA GLY C 118 -10.64 -30.35 11.69
C GLY C 118 -11.36 -30.51 10.37
N TRP C 119 -10.62 -30.38 9.28
CA TRP C 119 -11.20 -30.17 7.95
C TRP C 119 -11.26 -31.45 7.12
N ASN D 16 16.78 10.99 -0.70
CA ASN D 16 15.46 11.56 -1.11
C ASN D 16 15.43 12.13 -2.53
N ARG D 17 14.21 12.29 -3.02
CA ARG D 17 13.93 12.96 -4.29
C ARG D 17 12.75 13.90 -4.12
N TYR D 18 12.72 14.94 -4.95
CA TYR D 18 11.72 16.00 -4.84
C TYR D 18 10.92 16.09 -6.12
N ILE D 19 9.59 16.05 -5.97
CA ILE D 19 8.68 16.13 -7.11
C ILE D 19 7.99 17.48 -7.10
N ALA D 20 8.18 18.22 -8.19
CA ALA D 20 7.44 19.46 -8.40
C ALA D 20 6.18 19.12 -9.17
N PHE D 21 5.05 19.69 -8.75
CA PHE D 21 3.76 19.41 -9.38
C PHE D 21 2.88 20.63 -9.51
N GLN D 22 2.02 20.61 -10.52
CA GLN D 22 0.96 21.60 -10.70
C GLN D 22 -0.37 21.01 -10.28
N VAL D 23 -1.27 21.87 -9.80
CA VAL D 23 -2.60 21.45 -9.37
C VAL D 23 -3.66 22.21 -10.15
N ILE D 24 -4.43 21.46 -10.95
CA ILE D 24 -5.56 22.01 -11.70
C ILE D 24 -6.86 21.61 -11.00
N GLY D 25 -7.70 22.58 -10.69
CA GLY D 25 -8.96 22.29 -9.98
C GLY D 25 -10.09 23.27 -10.23
N GLU D 26 -11.27 22.93 -9.71
CA GLU D 26 -12.44 23.81 -9.74
C GLU D 26 -12.21 25.12 -8.98
N ARG D 27 -11.27 25.06 -8.04
CA ARG D 27 -11.11 26.01 -6.93
C ARG D 27 -9.58 26.18 -6.75
N PRO D 28 -9.13 27.23 -6.03
CA PRO D 28 -7.68 27.48 -5.98
C PRO D 28 -6.90 26.56 -5.02
N PHE D 29 -7.52 26.17 -3.92
CA PHE D 29 -6.87 25.35 -2.86
C PHE D 29 -5.77 26.04 -2.06
N LYS D 30 -5.77 25.72 -0.77
CA LYS D 30 -4.84 26.29 0.19
C LYS D 30 -3.81 25.24 0.63
N LYS D 31 -2.74 25.72 1.26
CA LYS D 31 -1.65 24.86 1.76
C LYS D 31 -2.14 23.67 2.56
N ASP D 32 -2.98 23.95 3.56
CA ASP D 32 -3.52 22.92 4.48
C ASP D 32 -4.23 21.76 3.75
N GLU D 33 -4.94 22.09 2.66
CA GLU D 33 -5.69 21.09 1.90
C GLU D 33 -4.79 20.12 1.14
N ILE D 34 -3.78 20.66 0.47
CA ILE D 34 -2.84 19.84 -0.31
C ILE D 34 -1.96 19.00 0.60
N LYS D 35 -1.46 19.60 1.67
CA LYS D 35 -0.71 18.87 2.69
C LYS D 35 -1.49 17.62 3.09
N LYS D 36 -2.75 17.83 3.44
CA LYS D 36 -3.68 16.75 3.78
C LYS D 36 -3.86 15.77 2.63
N ALA D 37 -4.09 16.29 1.43
CA ALA D 37 -4.37 15.46 0.25
C ALA D 37 -3.22 14.56 -0.19
N VAL D 38 -1.99 14.99 0.04
CA VAL D 38 -0.81 14.16 -0.24
C VAL D 38 -0.85 12.89 0.62
N TRP D 39 -1.24 13.05 1.88
CA TRP D 39 -1.49 11.93 2.78
C TRP D 39 -2.95 11.49 2.68
N GLU D 40 -3.23 10.70 1.66
CA GLU D 40 -4.59 10.27 1.32
C GLU D 40 -4.49 9.52 0.00
N ALA D 41 -3.83 10.17 -0.94
CA ALA D 41 -3.37 9.56 -2.17
C ALA D 41 -2.43 8.41 -1.85
N SER D 42 -1.42 8.69 -1.04
CA SER D 42 -0.46 7.68 -0.60
C SER D 42 -1.06 6.63 0.31
N LEU D 43 -1.97 7.06 1.19
CA LEU D 43 -2.60 6.16 2.14
C LEU D 43 -3.55 5.15 1.51
N SER D 44 -4.24 5.57 0.44
CA SER D 44 -5.13 4.65 -0.29
C SER D 44 -4.36 3.86 -1.35
N ALA D 45 -3.38 4.49 -1.98
CA ALA D 45 -2.60 3.83 -3.04
C ALA D 45 -1.60 2.83 -2.49
N LEU D 46 -0.81 3.27 -1.52
CA LEU D 46 0.30 2.46 -0.96
C LEU D 46 0.02 1.90 0.43
N GLY D 47 -1.04 2.40 1.06
CA GLY D 47 -1.34 2.03 2.45
C GLY D 47 -0.34 2.64 3.42
N TYR D 48 -0.55 2.40 4.71
CA TYR D 48 0.35 2.97 5.74
C TYR D 48 1.74 2.32 5.74
N LEU D 49 1.81 1.04 5.37
CA LEU D 49 3.10 0.38 5.25
C LEU D 49 3.88 0.90 4.05
N GLY D 50 3.26 0.82 2.87
CA GLY D 50 3.86 1.37 1.64
C GLY D 50 4.20 2.84 1.79
N SER D 51 3.30 3.57 2.44
CA SER D 51 3.52 4.99 2.77
C SER D 51 4.76 5.18 3.65
N ALA D 52 4.92 4.29 4.63
CA ALA D 52 6.07 4.33 5.53
C ALA D 52 7.39 3.98 4.82
N ARG D 53 7.30 3.18 3.78
CA ARG D 53 8.48 2.80 2.99
C ARG D 53 8.89 3.90 2.03
N ALA D 54 7.90 4.57 1.45
CA ALA D 54 8.12 5.65 0.49
C ALA D 54 8.56 6.94 1.17
N LYS D 55 8.05 7.16 2.37
CA LYS D 55 8.37 8.35 3.16
C LYS D 55 8.04 9.64 2.40
N PRO D 56 6.75 9.86 2.11
CA PRO D 56 6.34 11.09 1.46
C PRO D 56 6.37 12.22 2.46
N TRP D 57 6.66 13.43 1.99
CA TRP D 57 6.71 14.59 2.87
C TRP D 57 6.46 15.90 2.12
N PHE D 58 5.30 16.49 2.38
CA PHE D 58 4.92 17.80 1.84
C PHE D 58 5.92 18.88 2.26
N ILE D 59 6.43 19.62 1.28
CA ILE D 59 7.39 20.70 1.55
C ILE D 59 6.72 22.07 1.51
N LYS D 60 6.26 22.47 0.33
CA LYS D 60 5.64 23.79 0.15
C LYS D 60 4.65 23.80 -1.01
N PHE D 61 3.70 24.72 -0.93
CA PHE D 61 2.72 24.95 -1.99
C PHE D 61 2.52 26.44 -2.24
N ASP D 62 2.58 26.83 -3.50
CA ASP D 62 2.43 28.23 -3.91
C ASP D 62 1.00 28.49 -4.39
N GLU D 63 0.20 29.09 -3.53
CA GLU D 63 -1.24 29.31 -3.79
C GLU D 63 -1.52 30.18 -5.00
N LYS D 64 -0.64 31.16 -5.25
CA LYS D 64 -0.73 32.02 -6.44
C LYS D 64 -0.75 31.17 -7.71
N SER D 65 0.29 30.36 -7.87
CA SER D 65 0.53 29.58 -9.10
C SER D 65 0.05 28.14 -9.03
N GLN D 66 -0.48 27.74 -7.88
CA GLN D 66 -1.02 26.39 -7.67
C GLN D 66 0.01 25.30 -7.98
N THR D 67 1.25 25.57 -7.60
CA THR D 67 2.33 24.61 -7.74
C THR D 67 2.89 24.26 -6.38
N GLY D 68 3.43 23.05 -6.25
CA GLY D 68 3.98 22.58 -4.98
C GLY D 68 5.20 21.69 -5.12
N ILE D 69 5.72 21.27 -3.97
CA ILE D 69 6.81 20.29 -3.91
C ILE D 69 6.47 19.22 -2.87
N VAL D 70 6.87 17.99 -3.17
CA VAL D 70 6.73 16.89 -2.23
C VAL D 70 7.99 16.03 -2.27
N ARG D 71 8.35 15.47 -1.12
CA ARG D 71 9.59 14.70 -0.96
C ARG D 71 9.27 13.21 -0.89
N VAL D 72 10.18 12.39 -1.41
CA VAL D 72 10.08 10.92 -1.30
C VAL D 72 11.43 10.27 -1.35
N ASP D 73 11.49 9.03 -0.85
CA ASP D 73 12.65 8.18 -1.06
C ASP D 73 12.82 7.99 -2.56
N ARG D 74 14.07 7.90 -3.02
CA ARG D 74 14.37 7.82 -4.45
C ARG D 74 13.79 6.57 -5.12
N LYS D 75 13.75 5.47 -4.37
CA LYS D 75 13.24 4.19 -4.87
C LYS D 75 11.73 4.23 -5.14
N HIS D 76 11.01 5.05 -4.37
CA HIS D 76 9.54 5.10 -4.42
C HIS D 76 8.98 6.36 -5.04
N VAL D 77 9.62 6.83 -6.11
CA VAL D 77 9.17 8.03 -6.81
C VAL D 77 7.90 7.73 -7.61
N GLU D 78 8.03 6.79 -8.54
CA GLU D 78 6.94 6.44 -9.46
C GLU D 78 5.69 5.99 -8.74
N GLU D 79 5.87 5.35 -7.57
CA GLU D 79 4.75 5.01 -6.68
C GLU D 79 3.96 6.25 -6.29
N LEU D 80 4.67 7.26 -5.78
CA LEU D 80 4.03 8.49 -5.34
C LEU D 80 3.50 9.30 -6.50
N ARG D 81 4.20 9.27 -7.63
CA ARG D 81 3.70 9.93 -8.83
C ARG D 81 2.37 9.31 -9.25
N PHE D 82 2.31 7.98 -9.14
CA PHE D 82 1.10 7.25 -9.46
C PHE D 82 0.00 7.61 -8.47
N ALA D 83 0.37 7.68 -7.20
CA ALA D 83 -0.58 7.98 -6.13
C ALA D 83 -1.31 9.30 -6.37
N LEU D 84 -0.58 10.29 -6.84
CA LEU D 84 -1.14 11.62 -7.08
C LEU D 84 -1.94 11.69 -8.38
N THR D 85 -1.51 10.95 -9.40
CA THR D 85 -2.30 10.88 -10.64
C THR D 85 -3.64 10.20 -10.37
N MET D 86 -3.61 9.17 -9.53
CA MET D 86 -4.83 8.46 -9.05
C MET D 86 -5.80 9.37 -8.30
N LEU D 87 -5.30 10.49 -7.79
CA LEU D 87 -6.14 11.41 -7.04
C LEU D 87 -7.16 12.06 -7.97
N THR D 88 -8.29 12.41 -7.38
CA THR D 88 -9.44 12.86 -8.16
C THR D 88 -10.23 13.99 -7.50
N GLU D 89 -10.39 13.94 -6.18
CA GLU D 89 -11.25 14.88 -5.45
C GLU D 89 -10.60 15.32 -4.15
N ILE D 90 -10.58 16.63 -3.91
CA ILE D 90 -10.12 17.21 -2.64
C ILE D 90 -11.21 18.09 -2.06
N ASN D 91 -11.78 17.64 -0.94
CA ASN D 91 -12.85 18.36 -0.25
C ASN D 91 -14.00 18.74 -1.18
N GLY D 92 -14.51 17.73 -1.90
CA GLY D 92 -15.71 17.87 -2.73
C GLY D 92 -15.54 18.72 -3.97
N SER D 93 -14.30 18.87 -4.41
CA SER D 93 -13.97 19.65 -5.61
C SER D 93 -12.93 18.91 -6.45
N LYS D 94 -13.33 18.54 -7.66
CA LYS D 94 -12.48 17.76 -8.58
C LYS D 94 -11.12 18.40 -8.82
N VAL D 95 -10.11 17.54 -8.98
CA VAL D 95 -8.70 17.95 -9.05
C VAL D 95 -7.94 17.17 -10.12
N ILE D 96 -6.85 17.76 -10.60
CA ILE D 96 -5.86 17.07 -11.40
C ILE D 96 -4.45 17.48 -10.94
N PHE D 97 -3.65 16.50 -10.60
CA PHE D 97 -2.24 16.73 -10.29
C PHE D 97 -1.40 16.44 -11.52
N ARG D 98 -0.54 17.39 -11.86
CA ARG D 98 0.42 17.19 -12.95
C ARG D 98 1.84 17.38 -12.43
N THR D 99 2.67 16.36 -12.59
CA THR D 99 4.05 16.44 -12.16
C THR D 99 4.86 17.16 -13.21
N LEU D 100 5.53 18.23 -12.79
CA LEU D 100 6.32 19.07 -13.69
C LEU D 100 7.73 18.53 -13.86
N GLY D 101 8.19 17.76 -12.88
CA GLY D 101 9.51 17.16 -12.95
C GLY D 101 10.01 16.67 -11.60
N VAL D 102 11.17 16.01 -11.65
CA VAL D 102 11.80 15.45 -10.46
C VAL D 102 13.25 15.91 -10.39
N SER D 103 13.76 16.01 -9.17
CA SER D 103 15.15 16.42 -8.93
C SER D 103 15.65 15.95 -7.57
N GLY D 104 16.97 15.84 -7.45
CA GLY D 104 17.62 15.42 -6.20
C GLY D 104 17.73 16.50 -5.14
N THR D 105 17.44 17.74 -5.52
CA THR D 105 17.53 18.90 -4.62
C THR D 105 16.47 19.96 -4.95
N ILE D 106 16.01 20.67 -3.92
CA ILE D 106 15.04 21.76 -4.10
C ILE D 106 15.66 22.92 -4.88
N LYS D 107 16.98 23.05 -4.79
CA LYS D 107 17.75 24.01 -5.58
C LYS D 107 17.51 23.80 -7.08
N ARG D 108 17.87 22.62 -7.57
CA ARG D 108 17.70 22.29 -9.00
C ARG D 108 16.22 22.27 -9.40
N LEU D 109 15.37 21.76 -8.51
CA LEU D 109 13.93 21.66 -8.78
C LEU D 109 13.30 23.02 -9.04
N LYS D 110 13.52 23.96 -8.13
CA LYS D 110 12.94 25.31 -8.25
C LYS D 110 13.43 26.02 -9.51
N ARG D 111 14.72 25.87 -9.82
CA ARG D 111 15.30 26.46 -11.03
C ARG D 111 14.71 25.80 -12.27
N LYS D 112 14.89 24.49 -12.37
CA LYS D 112 14.56 23.74 -13.59
C LYS D 112 13.08 23.77 -13.95
N PHE D 113 12.21 23.62 -12.94
CA PHE D 113 10.77 23.41 -13.18
C PHE D 113 9.82 24.46 -12.60
N LEU D 114 10.21 25.13 -11.52
CA LEU D 114 9.32 26.08 -10.83
C LEU D 114 9.66 27.55 -11.04
N ALA D 115 10.78 27.82 -11.71
CA ALA D 115 11.17 29.20 -12.06
C ALA D 115 10.07 29.91 -12.86
N GLU D 116 9.34 29.14 -13.66
CA GLU D 116 8.29 29.67 -14.54
C GLU D 116 7.06 30.23 -13.81
N TYR D 117 6.88 29.85 -12.55
CA TYR D 117 5.64 30.13 -11.82
C TYR D 117 5.76 31.21 -10.74
N GLY D 118 6.93 31.30 -10.12
CA GLY D 118 7.14 32.16 -8.95
C GLY D 118 8.56 32.71 -8.88
N TRP D 119 9.41 32.26 -7.95
CA TRP D 119 9.07 31.25 -6.93
C TRP D 119 9.91 31.48 -5.66
#